data_3KM0
#
_entry.id   3KM0
#
_cell.length_a   154.420
_cell.length_b   43.120
_cell.length_c   121.100
_cell.angle_alpha   90.00
_cell.angle_beta   128.59
_cell.angle_gamma   90.00
#
_symmetry.space_group_name_H-M   'C 1 2 1'
#
loop_
_entity.id
_entity.type
_entity.pdbx_description
1 polymer 'Estradiol 17-beta-dehydrogenase 1'
2 non-polymer 5-ALPHA-ANDROSTANE-3-BETA,17BETA-DIOL
3 non-polymer 'NADP NICOTINAMIDE-ADENINE-DINUCLEOTIDE PHOSPHATE'
4 water water
#
_entity_poly.entity_id   1
_entity_poly.type   'polypeptide(L)'
_entity_poly.pdbx_seq_one_letter_code
;ARTVVLITGCSSGIGLHLAVRLASDPSQSFKVYATLRDLKTQGRLWEAARALACPPGSLETLQLDVRDSKSVAAARERVT
EGRVDVLVCNAGLGLLGPLEALGEDAVASVLDVNVVGTVRMLQAFLPDMKRRGSGRVLVTGSVGGLMGLPFNDVYCASKF
ALEGLCESLAVLLLPFGVHLSLIECGPVHTAFMEKVLGSPEEVLDRTDIHTFHRFYQYLAHSKQVFREAAQNPEEVAEVF
LTALRAPKPTLRYFTTERFLPLLRMRLDDPSGSNYVTAMHREVFGDVPAKAEAGAEAGGGAGPGAEDEAGRSAVGDPELG
DPPAAPQ
;
_entity_poly.pdbx_strand_id   A,B
#
# COMPACT_ATOMS: atom_id res chain seq x y z
N ALA A 1 -30.17 19.72 10.28
CA ALA A 1 -29.97 21.19 10.23
C ALA A 1 -28.53 21.49 10.68
N ARG A 2 -27.68 20.47 10.60
CA ARG A 2 -26.27 20.51 11.05
C ARG A 2 -25.38 19.68 10.12
N THR A 3 -24.07 19.84 10.28
CA THR A 3 -23.13 18.95 9.60
C THR A 3 -22.85 17.73 10.44
N VAL A 4 -23.17 16.60 9.86
CA VAL A 4 -23.15 15.33 10.67
C VAL A 4 -21.76 14.59 10.46
N VAL A 5 -20.94 14.40 11.54
CA VAL A 5 -19.65 13.87 11.35
C VAL A 5 -19.37 12.55 12.04
N LEU A 6 -18.61 11.67 11.43
CA LEU A 6 -18.39 10.38 12.10
C LEU A 6 -16.96 10.02 11.97
N ILE A 7 -16.27 9.85 13.12
CA ILE A 7 -14.88 9.67 13.29
C ILE A 7 -14.49 8.33 13.93
N THR A 8 -13.59 7.52 13.33
CA THR A 8 -13.12 6.24 13.98
C THR A 8 -11.86 6.45 14.84
N GLY A 9 -11.72 5.67 15.91
CA GLY A 9 -10.63 5.78 16.83
C GLY A 9 -10.56 7.11 17.55
N CYS A 10 -11.63 7.33 18.34
CA CYS A 10 -11.69 8.55 19.09
C CYS A 10 -11.40 8.47 20.53
N SER A 11 -10.76 7.38 20.99
CA SER A 11 -10.41 7.32 22.41
C SER A 11 -9.22 8.14 22.81
N SER A 12 -8.26 8.31 21.93
CA SER A 12 -7.09 9.12 22.14
C SER A 12 -6.59 9.85 20.90
N GLY A 13 -5.68 10.75 21.09
CA GLY A 13 -4.95 11.37 20.01
C GLY A 13 -5.83 12.06 19.01
N ILE A 14 -5.45 12.00 17.75
CA ILE A 14 -6.09 12.76 16.70
C ILE A 14 -7.61 12.62 16.56
N GLY A 15 -8.14 11.42 16.73
CA GLY A 15 -9.62 11.19 16.63
C GLY A 15 -10.22 12.08 17.75
N LEU A 16 -9.73 11.85 18.98
CA LEU A 16 -10.15 12.63 20.13
C LEU A 16 -10.16 14.11 19.88
N HIS A 17 -9.01 14.61 19.59
CA HIS A 17 -8.92 16.05 19.54
C HIS A 17 -9.77 16.51 18.35
N LEU A 18 -9.85 15.79 17.25
CA LEU A 18 -10.84 16.19 16.28
C LEU A 18 -12.26 16.06 16.81
N ALA A 19 -12.63 14.98 17.52
CA ALA A 19 -13.99 14.95 17.98
C ALA A 19 -14.30 16.24 18.84
N VAL A 20 -13.54 16.42 19.90
CA VAL A 20 -13.92 17.54 20.76
C VAL A 20 -13.80 18.82 19.95
N ARG A 21 -12.89 18.89 18.96
CA ARG A 21 -12.67 20.22 18.26
C ARG A 21 -13.91 20.67 17.52
N LEU A 22 -14.72 19.71 17.18
CA LEU A 22 -15.69 19.92 16.15
C LEU A 22 -17.07 20.14 16.86
N ALA A 23 -17.34 19.34 17.88
CA ALA A 23 -18.46 19.43 18.80
C ALA A 23 -18.43 20.74 19.54
N SER A 24 -17.24 21.19 19.97
CA SER A 24 -17.16 22.50 20.51
C SER A 24 -16.99 23.65 19.42
N ASP A 25 -17.05 23.41 18.09
CA ASP A 25 -17.02 24.63 17.19
C ASP A 25 -18.01 25.72 17.65
N PRO A 26 -17.58 27.02 17.58
CA PRO A 26 -18.55 28.06 17.99
C PRO A 26 -19.60 28.28 16.91
N SER A 27 -19.50 27.58 15.77
CA SER A 27 -20.60 27.60 14.76
C SER A 27 -21.74 26.74 15.24
N GLN A 28 -21.47 25.79 16.12
CA GLN A 28 -22.52 24.83 16.50
C GLN A 28 -23.15 24.11 15.31
N SER A 29 -22.47 24.25 14.14
CA SER A 29 -22.78 23.32 13.03
C SER A 29 -22.52 21.85 13.17
N PHE A 30 -21.64 21.36 14.05
CA PHE A 30 -21.30 19.92 13.93
C PHE A 30 -22.02 19.00 14.86
N LYS A 31 -22.68 18.00 14.32
CA LYS A 31 -23.18 16.87 15.17
C LYS A 31 -22.17 15.76 14.87
N VAL A 32 -21.50 15.27 15.94
CA VAL A 32 -20.24 14.47 15.79
C VAL A 32 -20.52 13.16 16.44
N TYR A 33 -20.33 12.09 15.68
CA TYR A 33 -20.40 10.76 16.24
C TYR A 33 -18.95 10.27 16.26
N ALA A 34 -18.47 10.08 17.48
CA ALA A 34 -17.18 9.72 17.73
C ALA A 34 -17.32 8.26 18.10
N THR A 35 -16.56 7.39 17.41
CA THR A 35 -16.61 6.05 17.59
C THR A 35 -15.32 5.60 18.03
N LEU A 36 -15.37 4.45 18.69
CA LEU A 36 -14.34 3.92 19.50
C LEU A 36 -14.29 2.37 19.48
N ARG A 37 -13.13 1.81 19.22
CA ARG A 37 -12.84 0.42 19.47
C ARG A 37 -13.67 -0.20 20.60
N ASP A 38 -13.52 0.35 21.78
CA ASP A 38 -13.86 -0.25 23.07
C ASP A 38 -14.42 0.93 23.91
N LEU A 39 -15.73 1.12 24.07
CA LEU A 39 -16.19 2.27 24.86
C LEU A 39 -15.79 2.40 26.32
N LYS A 40 -15.33 1.33 26.90
CA LYS A 40 -14.78 1.41 28.22
C LYS A 40 -13.57 2.47 28.28
N THR A 41 -13.05 2.90 27.14
CA THR A 41 -11.89 3.71 27.14
C THR A 41 -12.29 5.11 26.84
N GLN A 42 -13.61 5.37 26.93
CA GLN A 42 -14.16 6.67 26.60
C GLN A 42 -14.07 7.78 27.58
N GLY A 43 -13.48 7.57 28.76
CA GLY A 43 -13.24 8.66 29.75
C GLY A 43 -12.54 9.94 29.30
N ARG A 44 -11.35 9.82 28.73
CA ARG A 44 -10.63 10.99 28.22
C ARG A 44 -11.34 11.83 27.19
N LEU A 45 -11.95 11.19 26.20
CA LEU A 45 -12.95 11.84 25.29
C LEU A 45 -13.97 12.83 25.97
N TRP A 46 -14.52 12.39 27.09
CA TRP A 46 -15.57 13.07 27.70
C TRP A 46 -14.99 14.01 28.71
N GLU A 47 -13.87 13.72 29.40
CA GLU A 47 -13.14 14.80 30.23
C GLU A 47 -12.75 16.05 29.32
N ALA A 48 -12.12 15.78 28.13
CA ALA A 48 -11.84 16.75 27.09
C ALA A 48 -13.07 17.52 26.61
N ALA A 49 -14.12 16.82 26.22
CA ALA A 49 -15.40 17.41 25.84
C ALA A 49 -16.17 18.29 26.84
N ARG A 50 -16.40 17.79 28.05
CA ARG A 50 -16.75 18.60 29.23
C ARG A 50 -15.90 19.87 29.38
N ALA A 51 -14.62 19.71 29.67
CA ALA A 51 -13.64 20.75 29.54
C ALA A 51 -13.90 21.78 28.45
N LEU A 52 -14.24 21.33 27.27
CA LEU A 52 -14.42 22.25 26.11
C LEU A 52 -15.81 22.92 25.89
N ALA A 53 -16.78 22.53 26.71
CA ALA A 53 -18.09 23.14 26.74
C ALA A 53 -18.92 22.71 25.54
N CYS A 54 -18.72 21.44 25.07
CA CYS A 54 -19.53 20.90 23.95
C CYS A 54 -21.10 20.88 24.30
N PRO A 55 -21.86 21.68 23.60
CA PRO A 55 -23.24 21.80 23.94
C PRO A 55 -23.83 20.45 23.78
N PRO A 56 -24.77 20.07 24.61
CA PRO A 56 -25.14 18.66 24.64
C PRO A 56 -26.03 18.25 23.49
N GLY A 57 -25.88 17.02 23.10
CA GLY A 57 -26.38 16.55 21.85
C GLY A 57 -25.38 16.83 20.78
N SER A 58 -24.35 17.58 21.11
CA SER A 58 -23.42 17.89 20.05
C SER A 58 -22.34 16.82 19.80
N LEU A 59 -22.21 15.87 20.72
CA LEU A 59 -21.32 14.72 20.65
C LEU A 59 -21.92 13.43 21.19
N GLU A 60 -21.72 12.34 20.49
CA GLU A 60 -22.23 11.03 20.89
C GLU A 60 -21.18 9.92 20.69
N THR A 61 -21.11 8.91 21.52
CA THR A 61 -20.06 7.92 21.29
C THR A 61 -20.72 6.70 20.83
N LEU A 62 -20.04 5.94 19.98
CA LEU A 62 -20.68 4.79 19.39
C LEU A 62 -19.58 3.82 19.45
N GLN A 63 -19.90 2.56 19.48
CA GLN A 63 -18.93 1.52 19.32
C GLN A 63 -18.75 1.25 17.85
N LEU A 64 -17.50 0.91 17.56
CA LEU A 64 -17.16 0.53 16.24
C LEU A 64 -15.77 -0.11 16.18
N ASP A 65 -15.71 -1.27 15.63
CA ASP A 65 -14.45 -1.90 15.52
C ASP A 65 -14.31 -2.14 14.01
N VAL A 66 -13.31 -1.47 13.33
CA VAL A 66 -12.97 -1.58 11.91
C VAL A 66 -12.64 -2.98 11.42
N ARG A 67 -12.17 -3.84 12.31
CA ARG A 67 -11.88 -5.18 11.93
C ARG A 67 -13.18 -5.96 11.64
N ASP A 68 -14.32 -5.39 11.99
CA ASP A 68 -15.59 -6.14 11.98
C ASP A 68 -16.66 -5.42 11.13
N SER A 69 -17.16 -6.13 10.12
CA SER A 69 -18.27 -5.66 9.34
C SER A 69 -19.59 -5.39 10.10
N LYS A 70 -19.97 -6.28 10.99
CA LYS A 70 -21.06 -6.06 11.87
C LYS A 70 -21.11 -4.74 12.67
N SER A 71 -19.96 -4.37 13.26
CA SER A 71 -19.78 -3.25 14.18
C SER A 71 -19.95 -2.11 13.21
N VAL A 72 -19.27 -2.19 12.06
CA VAL A 72 -19.40 -1.09 11.17
C VAL A 72 -20.91 -0.90 10.78
N ALA A 73 -21.64 -1.99 10.53
CA ALA A 73 -23.03 -1.84 10.09
C ALA A 73 -23.89 -1.32 11.30
N ALA A 74 -23.49 -1.77 12.48
CA ALA A 74 -24.16 -1.41 13.69
C ALA A 74 -23.99 0.08 14.13
N ALA A 75 -22.88 0.69 13.92
CA ALA A 75 -22.78 2.14 14.09
C ALA A 75 -23.52 2.90 12.95
N ARG A 76 -23.44 2.37 11.73
CA ARG A 76 -24.19 2.94 10.61
C ARG A 76 -25.66 3.06 11.11
N GLU A 77 -26.22 1.92 11.56
CA GLU A 77 -27.58 1.90 12.10
C GLU A 77 -27.90 2.98 13.21
N ARG A 78 -26.93 3.46 13.96
CA ARG A 78 -27.24 4.26 15.16
C ARG A 78 -27.19 5.71 14.74
N VAL A 79 -26.92 6.00 13.47
CA VAL A 79 -27.09 7.36 12.96
C VAL A 79 -28.51 7.72 12.63
N THR A 80 -29.29 7.88 13.67
CA THR A 80 -30.33 8.86 13.83
C THR A 80 -30.79 9.72 12.65
N GLU A 81 -29.91 10.59 12.20
CA GLU A 81 -30.19 11.59 11.19
C GLU A 81 -30.25 10.86 9.87
N GLY A 82 -29.97 9.58 9.84
CA GLY A 82 -30.16 8.92 8.54
C GLY A 82 -29.11 9.26 7.48
N ARG A 83 -28.34 10.35 7.63
CA ARG A 83 -27.15 10.61 6.76
C ARG A 83 -25.82 10.91 7.48
N VAL A 84 -24.68 10.65 6.82
CA VAL A 84 -23.32 11.25 7.19
C VAL A 84 -22.89 12.38 6.19
N ASP A 85 -22.40 13.51 6.67
CA ASP A 85 -21.84 14.55 5.71
C ASP A 85 -20.31 14.51 5.59
N VAL A 86 -19.63 14.64 6.71
CA VAL A 86 -18.30 14.04 6.89
C VAL A 86 -18.12 12.64 7.48
N LEU A 87 -17.26 11.83 6.87
CA LEU A 87 -16.73 10.61 7.47
C LEU A 87 -15.23 10.55 7.57
N VAL A 88 -14.72 10.61 8.76
CA VAL A 88 -13.31 10.59 8.96
C VAL A 88 -12.82 9.20 9.37
N CYS A 89 -12.09 8.53 8.47
CA CYS A 89 -11.33 7.20 8.70
C CYS A 89 -9.93 7.51 9.21
N ASN A 90 -9.89 7.37 10.51
CA ASN A 90 -8.80 7.70 11.36
C ASN A 90 -8.23 6.49 12.13
N ALA A 91 -8.98 5.50 12.61
CA ALA A 91 -8.24 4.37 13.37
C ALA A 91 -7.02 3.83 12.60
N GLY A 92 -5.92 3.36 13.22
CA GLY A 92 -4.66 2.97 12.48
C GLY A 92 -3.70 2.42 13.49
N LEU A 93 -2.76 1.56 13.09
CA LEU A 93 -1.56 1.05 13.96
C LEU A 93 -0.21 1.26 13.23
N GLY A 94 0.90 1.11 13.99
CA GLY A 94 2.22 1.14 13.47
C GLY A 94 2.78 -0.24 13.61
N LEU A 95 4.00 -0.46 13.10
CA LEU A 95 4.76 -1.69 13.28
C LEU A 95 6.17 -1.37 12.99
N LEU A 96 6.95 -1.75 13.93
CA LEU A 96 8.26 -1.28 13.93
C LEU A 96 9.20 -2.45 14.17
N GLY A 97 10.23 -2.54 13.31
CA GLY A 97 11.17 -3.68 13.39
C GLY A 97 11.79 -4.08 12.07
N PRO A 98 12.91 -4.84 12.17
CA PRO A 98 13.48 -5.61 11.09
C PRO A 98 12.36 -6.50 10.49
N LEU A 99 12.05 -6.32 9.23
CA LEU A 99 11.14 -7.22 8.56
C LEU A 99 11.18 -8.63 9.07
N GLU A 100 12.35 -9.24 9.00
CA GLU A 100 12.63 -10.56 9.49
C GLU A 100 12.13 -10.88 10.86
N ALA A 101 12.27 -9.91 11.80
CA ALA A 101 11.83 -10.10 13.23
C ALA A 101 10.29 -9.85 13.37
N LEU A 102 9.59 -9.65 12.28
CA LEU A 102 8.20 -9.23 12.38
C LEU A 102 7.30 -10.42 12.25
N GLY A 103 6.30 -10.47 13.13
CA GLY A 103 5.39 -11.62 13.25
C GLY A 103 4.31 -11.48 12.23
N GLU A 104 3.99 -12.63 11.65
CA GLU A 104 3.06 -12.71 10.52
C GLU A 104 1.66 -12.39 10.96
N ASP A 105 1.37 -12.33 12.25
CA ASP A 105 0.03 -11.94 12.71
C ASP A 105 -0.10 -10.46 13.05
N ALA A 106 1.02 -9.86 13.50
CA ALA A 106 1.21 -8.42 13.52
C ALA A 106 1.11 -7.83 12.12
N VAL A 107 1.64 -8.49 11.13
CA VAL A 107 1.62 -8.03 9.73
C VAL A 107 0.13 -8.12 9.22
N ALA A 108 -0.53 -9.22 9.49
CA ALA A 108 -1.97 -9.29 9.27
C ALA A 108 -2.85 -8.16 9.86
N SER A 109 -2.68 -7.88 11.17
CA SER A 109 -3.38 -6.80 11.89
C SER A 109 -3.17 -5.41 11.33
N VAL A 110 -1.93 -5.09 11.09
CA VAL A 110 -1.60 -3.77 10.59
C VAL A 110 -2.48 -3.67 9.35
N LEU A 111 -2.46 -4.69 8.46
CA LEU A 111 -3.19 -4.66 7.15
C LEU A 111 -4.72 -4.53 7.21
N ASP A 112 -5.30 -5.36 8.07
CA ASP A 112 -6.73 -5.25 8.48
C ASP A 112 -7.22 -3.89 9.08
N VAL A 113 -6.44 -3.32 9.99
CA VAL A 113 -6.93 -2.23 10.73
C VAL A 113 -6.79 -1.11 9.69
N ASN A 114 -5.59 -0.95 9.02
CA ASN A 114 -5.23 0.29 8.21
C ASN A 114 -5.76 0.24 6.72
N VAL A 115 -5.73 -0.89 6.07
CA VAL A 115 -6.23 -0.81 4.71
C VAL A 115 -7.68 -1.38 4.79
N VAL A 116 -7.85 -2.60 5.21
CA VAL A 116 -9.14 -3.18 4.98
C VAL A 116 -10.14 -2.42 5.84
N GLY A 117 -9.66 -1.99 6.99
CA GLY A 117 -10.38 -1.20 7.87
C GLY A 117 -11.04 -0.08 7.16
N THR A 118 -10.28 0.66 6.35
CA THR A 118 -10.77 1.87 5.67
C THR A 118 -11.68 1.48 4.52
N VAL A 119 -11.42 0.38 3.80
CA VAL A 119 -12.44 -0.40 2.93
C VAL A 119 -13.85 -0.63 3.54
N ARG A 120 -13.95 -1.28 4.69
CA ARG A 120 -15.27 -1.48 5.25
C ARG A 120 -16.12 -0.24 5.39
N MET A 121 -15.51 0.86 5.75
CA MET A 121 -16.23 2.05 6.11
C MET A 121 -16.76 2.71 4.88
N LEU A 122 -15.94 2.65 3.86
CA LEU A 122 -16.21 3.39 2.69
C LEU A 122 -17.19 2.40 1.99
N GLN A 123 -17.02 1.10 2.16
CA GLN A 123 -18.03 0.21 1.63
C GLN A 123 -19.43 0.52 2.20
N ALA A 124 -19.60 0.42 3.55
CA ALA A 124 -20.82 0.78 4.33
C ALA A 124 -21.35 2.24 4.14
N PHE A 125 -20.44 3.18 3.95
CA PHE A 125 -20.88 4.62 3.96
C PHE A 125 -20.92 5.35 2.63
N LEU A 126 -20.16 4.87 1.62
CA LEU A 126 -20.09 5.67 0.30
C LEU A 126 -21.45 5.59 -0.44
N PRO A 127 -22.06 4.36 -0.55
CA PRO A 127 -23.33 4.23 -1.23
C PRO A 127 -24.21 5.45 -1.00
N ASP A 128 -24.73 5.61 0.19
CA ASP A 128 -25.58 6.72 0.50
C ASP A 128 -25.04 8.12 0.17
N MET A 129 -23.71 8.31 0.24
CA MET A 129 -23.18 9.70 -0.15
C MET A 129 -23.27 9.88 -1.64
N LYS A 130 -23.15 8.75 -2.32
CA LYS A 130 -23.21 8.67 -3.81
C LYS A 130 -24.60 8.91 -4.35
N ARG A 131 -25.57 8.19 -3.75
CA ARG A 131 -26.99 8.54 -3.72
C ARG A 131 -27.39 10.03 -3.48
N ARG A 132 -27.12 10.58 -2.30
CA ARG A 132 -27.32 11.99 -2.04
C ARG A 132 -26.64 12.92 -3.07
N GLY A 133 -25.44 12.59 -3.52
CA GLY A 133 -24.67 13.53 -4.39
C GLY A 133 -23.90 14.48 -3.50
N SER A 134 -23.74 14.09 -2.24
CA SER A 134 -23.01 14.92 -1.28
C SER A 134 -22.22 14.11 -0.19
N GLY A 135 -21.02 14.61 0.18
CA GLY A 135 -20.25 14.07 1.18
C GLY A 135 -18.76 14.37 1.02
N ARG A 136 -18.10 14.50 2.17
CA ARG A 136 -16.68 14.62 2.29
C ARG A 136 -16.22 13.47 3.14
N VAL A 137 -15.24 12.72 2.64
CA VAL A 137 -14.57 11.66 3.41
C VAL A 137 -13.11 12.15 3.71
N LEU A 138 -12.65 12.08 4.97
CA LEU A 138 -11.32 12.56 5.38
C LEU A 138 -10.65 11.38 6.08
N VAL A 139 -9.36 11.26 5.76
CA VAL A 139 -8.60 10.04 5.75
C VAL A 139 -7.27 10.43 6.34
N THR A 140 -7.01 9.88 7.55
CA THR A 140 -5.71 10.15 8.20
C THR A 140 -4.49 9.46 7.52
N GLY A 141 -3.65 10.31 6.87
CA GLY A 141 -2.45 9.80 6.15
C GLY A 141 -1.24 9.79 7.07
N SER A 142 -0.09 9.57 6.46
CA SER A 142 1.12 9.51 7.15
C SER A 142 2.22 9.90 6.11
N VAL A 143 3.17 10.72 6.49
CA VAL A 143 4.41 10.79 5.69
C VAL A 143 4.90 9.38 5.30
N GLY A 144 4.84 8.36 6.19
CA GLY A 144 5.11 6.91 5.87
C GLY A 144 4.26 6.42 4.64
N GLY A 145 3.15 7.06 4.28
CA GLY A 145 2.39 6.72 3.05
C GLY A 145 2.83 7.50 1.79
N LEU A 146 3.83 8.38 1.98
CA LEU A 146 4.37 9.19 0.88
C LEU A 146 5.79 8.80 0.42
N MET A 147 6.63 8.26 1.32
CA MET A 147 7.99 7.89 0.97
C MET A 147 8.37 6.71 1.91
N GLY A 148 9.12 5.73 1.45
CA GLY A 148 9.57 4.63 2.32
C GLY A 148 10.53 4.88 3.43
N LEU A 149 10.32 4.19 4.60
CA LEU A 149 11.09 4.40 5.92
C LEU A 149 11.71 3.13 6.44
N PRO A 150 13.06 3.17 6.69
CA PRO A 150 13.67 1.88 7.11
C PRO A 150 13.03 1.45 8.40
N PHE A 151 12.83 0.15 8.64
CA PHE A 151 12.27 -0.39 9.86
C PHE A 151 10.85 -0.13 10.05
N ASN A 152 10.24 0.54 9.09
CA ASN A 152 8.76 0.58 8.99
C ASN A 152 8.22 0.04 7.72
N ASP A 153 8.75 -1.06 7.22
CA ASP A 153 8.34 -1.66 5.94
C ASP A 153 6.85 -2.08 5.83
N VAL A 154 6.34 -2.82 6.80
CA VAL A 154 4.92 -3.16 6.85
C VAL A 154 3.92 -2.03 7.15
N TYR A 155 4.39 -1.05 7.91
CA TYR A 155 3.63 0.10 8.29
C TYR A 155 3.47 0.99 6.99
N CYS A 156 4.60 1.25 6.33
CA CYS A 156 4.68 1.95 5.03
C CYS A 156 3.87 1.32 3.96
N ALA A 157 4.01 0.03 3.70
CA ALA A 157 3.05 -0.75 2.93
C ALA A 157 1.57 -0.45 3.14
N SER A 158 1.13 -0.37 4.38
CA SER A 158 -0.30 -0.02 4.72
C SER A 158 -0.64 1.46 4.48
N LYS A 159 0.28 2.35 4.77
CA LYS A 159 0.14 3.72 4.30
C LYS A 159 0.11 3.97 2.79
N PHE A 160 1.08 3.48 2.05
CA PHE A 160 1.06 3.63 0.64
C PHE A 160 -0.24 3.00 0.19
N ALA A 161 -0.61 1.88 0.75
CA ALA A 161 -1.86 1.21 0.20
C ALA A 161 -3.20 2.09 0.26
N LEU A 162 -3.38 2.79 1.34
CA LEU A 162 -4.49 3.75 1.43
C LEU A 162 -4.37 5.01 0.51
N GLU A 163 -3.14 5.43 0.21
CA GLU A 163 -2.93 6.57 -0.71
C GLU A 163 -3.43 6.00 -2.01
N GLY A 164 -3.16 4.66 -2.18
CA GLY A 164 -3.46 3.95 -3.38
C GLY A 164 -4.97 3.90 -3.68
N LEU A 165 -5.67 3.33 -2.71
CA LEU A 165 -7.11 3.16 -2.64
C LEU A 165 -7.93 4.43 -2.67
N CYS A 166 -7.44 5.45 -2.01
CA CYS A 166 -8.05 6.75 -2.01
C CYS A 166 -7.92 7.58 -3.30
N GLU A 167 -6.75 7.51 -3.92
CA GLU A 167 -6.48 8.23 -5.17
C GLU A 167 -7.39 7.67 -6.27
N SER A 168 -7.70 6.37 -6.15
CA SER A 168 -8.34 5.53 -7.14
C SER A 168 -9.79 5.89 -7.13
N LEU A 169 -10.47 5.78 -5.99
CA LEU A 169 -11.77 6.41 -5.80
C LEU A 169 -11.86 7.91 -6.02
N ALA A 170 -10.95 8.70 -5.47
CA ALA A 170 -11.05 10.12 -5.74
C ALA A 170 -11.17 10.40 -7.26
N VAL A 171 -10.29 9.83 -8.13
CA VAL A 171 -10.59 9.71 -9.60
C VAL A 171 -12.10 9.44 -9.88
N LEU A 172 -12.75 8.52 -9.19
CA LEU A 172 -13.99 8.10 -9.72
C LEU A 172 -15.04 8.97 -9.12
N LEU A 173 -14.85 9.42 -7.88
CA LEU A 173 -15.88 10.12 -7.11
C LEU A 173 -16.23 11.49 -7.61
N LEU A 174 -15.41 12.02 -8.48
CA LEU A 174 -15.36 13.42 -8.74
C LEU A 174 -16.62 14.04 -9.31
N PRO A 175 -17.62 13.23 -9.68
CA PRO A 175 -18.77 13.74 -10.42
C PRO A 175 -20.03 13.19 -9.80
N PHE A 176 -19.78 12.33 -8.83
CA PHE A 176 -20.66 12.03 -7.73
C PHE A 176 -20.85 13.11 -6.66
N GLY A 177 -19.87 13.90 -6.36
CA GLY A 177 -20.12 14.98 -5.46
C GLY A 177 -19.46 14.77 -4.14
N VAL A 178 -19.05 13.53 -3.92
CA VAL A 178 -18.11 13.10 -2.85
C VAL A 178 -16.60 13.54 -3.04
N HIS A 179 -16.01 13.93 -1.93
CA HIS A 179 -14.75 14.70 -1.92
C HIS A 179 -13.87 14.12 -0.83
N LEU A 180 -13.11 13.13 -1.23
CA LEU A 180 -12.22 12.36 -0.39
C LEU A 180 -10.83 12.97 -0.38
N SER A 181 -10.11 12.84 0.72
CA SER A 181 -9.05 13.74 1.10
C SER A 181 -8.17 13.13 2.16
N LEU A 182 -6.85 13.23 1.99
CA LEU A 182 -5.88 12.70 2.91
C LEU A 182 -5.16 13.73 3.71
N ILE A 183 -5.18 13.60 5.01
CA ILE A 183 -4.49 14.56 5.79
C ILE A 183 -3.13 14.00 6.15
N GLU A 184 -2.06 14.58 5.60
CA GLU A 184 -0.68 13.98 5.84
C GLU A 184 0.23 14.55 7.01
N CYS A 185 0.37 13.73 8.06
CA CYS A 185 1.02 14.03 9.32
C CYS A 185 2.31 13.29 9.30
N GLY A 186 3.38 14.03 9.73
CA GLY A 186 4.67 13.59 10.22
C GLY A 186 4.34 13.12 11.65
N PRO A 187 5.36 13.11 12.57
CA PRO A 187 5.11 12.82 14.00
C PRO A 187 4.10 13.72 14.70
N VAL A 188 3.25 13.10 15.50
CA VAL A 188 2.32 13.75 16.37
C VAL A 188 2.54 13.21 17.82
N HIS A 189 2.59 14.17 18.76
CA HIS A 189 2.69 14.05 20.22
C HIS A 189 1.52 13.40 20.85
N THR A 190 1.60 13.32 22.18
CA THR A 190 0.82 12.39 22.98
C THR A 190 1.10 11.15 22.15
N ALA A 191 2.41 10.90 22.06
CA ALA A 191 2.93 9.64 21.55
C ALA A 191 3.79 8.92 22.63
N GLY A 198 7.37 -4.72 21.68
CA GLY A 198 8.63 -5.53 21.59
C GLY A 198 9.77 -4.93 22.38
N SER A 199 10.84 -5.71 22.57
CA SER A 199 12.01 -5.32 23.36
C SER A 199 13.26 -6.13 22.93
N PRO A 200 14.51 -5.52 22.96
CA PRO A 200 15.80 -5.93 22.32
C PRO A 200 16.34 -7.31 22.67
N GLU A 201 15.85 -7.80 23.78
CA GLU A 201 16.11 -9.16 24.19
C GLU A 201 15.76 -10.02 22.98
N GLU A 202 14.54 -10.52 22.96
CA GLU A 202 14.00 -11.12 21.80
C GLU A 202 14.79 -10.66 20.58
N VAL A 203 15.14 -9.39 20.49
CA VAL A 203 15.29 -8.87 19.16
C VAL A 203 16.60 -9.14 18.49
N LEU A 204 17.64 -9.37 19.27
CA LEU A 204 18.88 -9.74 18.56
C LEU A 204 18.74 -11.16 18.07
N ASP A 205 17.76 -11.84 18.63
CA ASP A 205 17.52 -13.21 18.37
C ASP A 205 16.92 -13.46 17.03
N ARG A 206 16.20 -12.49 16.50
CA ARG A 206 15.41 -12.76 15.26
C ARG A 206 16.00 -12.10 14.05
N THR A 207 17.25 -11.69 14.16
CA THR A 207 17.93 -10.94 13.10
C THR A 207 19.46 -10.95 13.25
N ASP A 208 20.18 -10.35 12.27
CA ASP A 208 21.66 -10.35 12.27
C ASP A 208 22.18 -9.11 12.98
N ILE A 209 23.46 -9.13 13.35
CA ILE A 209 24.01 -8.12 14.20
C ILE A 209 24.19 -6.74 13.51
N HIS A 210 24.44 -6.70 12.21
CA HIS A 210 24.50 -5.40 11.51
C HIS A 210 23.11 -4.79 11.37
N THR A 211 22.07 -5.67 11.28
CA THR A 211 20.71 -5.18 11.08
C THR A 211 20.25 -4.58 12.40
N PHE A 212 20.83 -5.12 13.49
CA PHE A 212 20.44 -4.86 14.93
C PHE A 212 21.14 -3.62 15.32
N HIS A 213 22.42 -3.53 14.99
CA HIS A 213 23.11 -2.28 15.10
C HIS A 213 22.31 -1.15 14.36
N ARG A 214 21.82 -1.39 13.17
CA ARG A 214 21.20 -0.31 12.50
C ARG A 214 19.79 -0.02 12.92
N PHE A 215 19.11 -0.96 13.49
CA PHE A 215 17.85 -0.60 14.05
C PHE A 215 18.12 0.45 15.15
N TYR A 216 19.09 0.17 16.03
CA TYR A 216 19.58 1.17 17.08
C TYR A 216 19.83 2.54 16.51
N GLN A 217 20.53 2.68 15.38
CA GLN A 217 20.78 4.03 14.79
C GLN A 217 19.46 4.65 14.46
N TYR A 218 18.51 3.73 14.08
CA TYR A 218 17.24 4.07 13.50
C TYR A 218 16.41 4.73 14.61
N LEU A 219 16.17 3.94 15.67
CA LEU A 219 15.75 4.32 17.05
C LEU A 219 16.33 5.62 17.66
N ALA A 220 17.64 5.77 17.68
CA ALA A 220 18.21 7.05 18.04
C ALA A 220 17.85 8.22 17.12
N HIS A 221 17.85 8.03 15.81
CA HIS A 221 17.48 9.12 14.94
C HIS A 221 16.02 9.43 14.95
N SER A 222 15.11 8.44 14.96
CA SER A 222 13.71 8.86 15.14
C SER A 222 13.35 9.43 16.55
N LYS A 223 14.15 9.25 17.61
CA LYS A 223 13.90 10.05 18.81
C LYS A 223 14.23 11.52 18.59
N GLN A 224 15.45 11.85 18.26
CA GLN A 224 15.68 13.18 17.81
C GLN A 224 14.55 13.87 16.92
N VAL A 225 14.11 13.24 15.84
CA VAL A 225 12.95 13.71 15.07
C VAL A 225 11.59 14.04 15.77
N PHE A 226 11.10 13.15 16.62
CA PHE A 226 10.06 13.42 17.67
C PHE A 226 10.21 14.68 18.52
N ARG A 227 11.42 14.86 19.11
CA ARG A 227 11.96 16.03 19.88
C ARG A 227 11.88 17.34 19.08
N GLU A 228 12.57 17.35 17.95
CA GLU A 228 12.51 18.40 17.04
C GLU A 228 11.14 18.72 16.41
N ALA A 229 10.29 17.72 16.08
CA ALA A 229 9.34 17.93 14.98
C ALA A 229 7.92 17.48 15.16
N ALA A 230 7.64 16.68 16.25
CA ALA A 230 6.22 16.35 16.60
C ALA A 230 5.27 17.58 16.80
N GLN A 231 4.08 17.42 16.29
CA GLN A 231 3.07 18.37 16.36
C GLN A 231 2.03 18.01 17.50
N ASN A 232 1.35 19.03 18.03
CA ASN A 232 0.29 18.79 19.01
C ASN A 232 -0.84 18.09 18.17
N PRO A 233 -1.63 17.19 18.77
CA PRO A 233 -2.79 16.72 18.03
C PRO A 233 -3.75 17.85 17.64
N GLU A 234 -3.71 18.94 18.41
CA GLU A 234 -4.65 20.06 18.20
C GLU A 234 -4.21 20.74 16.91
N GLU A 235 -2.90 21.01 16.70
CA GLU A 235 -2.39 21.59 15.48
C GLU A 235 -2.86 20.80 14.27
N VAL A 236 -2.79 19.46 14.43
CA VAL A 236 -3.19 18.51 13.45
C VAL A 236 -4.71 18.45 13.18
N ALA A 237 -5.56 18.25 14.16
CA ALA A 237 -6.98 18.34 13.88
C ALA A 237 -7.36 19.74 13.35
N GLU A 238 -6.64 20.79 13.65
CA GLU A 238 -6.99 22.01 12.93
C GLU A 238 -7.11 21.90 11.38
N VAL A 239 -6.36 20.98 10.82
CA VAL A 239 -6.13 20.93 9.40
C VAL A 239 -7.17 20.10 8.74
N PHE A 240 -7.96 19.30 9.50
CA PHE A 240 -9.03 18.41 9.04
C PHE A 240 -10.13 19.37 8.97
N LEU A 241 -10.18 20.33 9.85
CA LEU A 241 -11.20 21.38 9.74
C LEU A 241 -11.20 22.14 8.43
N THR A 242 -10.05 22.70 8.14
CA THR A 242 -9.77 23.30 6.81
C THR A 242 -10.18 22.53 5.56
N ALA A 243 -9.87 21.25 5.50
CA ALA A 243 -10.19 20.51 4.31
C ALA A 243 -11.70 20.27 4.23
N LEU A 244 -12.43 20.46 5.36
CA LEU A 244 -13.85 20.20 5.29
C LEU A 244 -14.52 21.60 5.09
N ARG A 245 -13.85 22.67 5.49
CA ARG A 245 -14.34 24.04 5.14
C ARG A 245 -14.28 24.39 3.63
N ALA A 246 -13.14 24.15 3.00
CA ALA A 246 -12.88 24.24 1.53
C ALA A 246 -13.98 24.00 0.46
N PRO A 247 -14.40 25.07 -0.26
CA PRO A 247 -15.20 24.86 -1.46
C PRO A 247 -14.76 23.80 -2.46
N LYS A 248 -13.59 23.92 -3.12
CA LYS A 248 -13.00 22.70 -3.76
C LYS A 248 -11.81 22.05 -3.00
N PRO A 249 -12.12 21.00 -2.19
CA PRO A 249 -11.14 20.19 -1.51
C PRO A 249 -10.13 19.63 -2.48
N THR A 250 -8.86 19.61 -2.11
CA THR A 250 -7.86 18.89 -2.91
C THR A 250 -7.79 17.40 -2.37
N LEU A 251 -7.13 16.51 -3.11
CA LEU A 251 -6.87 15.08 -2.61
C LEU A 251 -6.01 15.04 -1.28
N ARG A 252 -5.06 15.98 -1.11
CA ARG A 252 -4.13 15.94 0.04
C ARG A 252 -3.95 17.29 0.67
N TYR A 253 -3.80 17.23 2.02
CA TYR A 253 -3.33 18.35 2.89
C TYR A 253 -2.15 17.89 3.61
N PHE A 254 -1.24 18.84 3.84
CA PHE A 254 -0.09 18.59 4.60
C PHE A 254 -0.21 19.20 5.99
N THR A 255 0.13 18.45 7.08
CA THR A 255 0.09 19.21 8.31
C THR A 255 1.40 20.02 8.49
N THR A 256 2.34 19.81 7.56
CA THR A 256 3.71 20.37 7.70
C THR A 256 4.48 20.38 6.37
N GLU A 257 5.54 21.19 6.24
CA GLU A 257 6.28 21.29 4.98
C GLU A 257 7.64 20.66 5.22
N ARG A 258 7.82 20.16 6.43
CA ARG A 258 9.11 19.74 6.93
C ARG A 258 9.68 18.65 6.08
N PHE A 259 8.82 17.76 5.57
CA PHE A 259 9.32 16.60 4.82
C PHE A 259 9.12 16.86 3.36
N LEU A 260 8.66 18.07 3.08
CA LEU A 260 8.41 18.51 1.74
C LEU A 260 9.64 18.44 0.76
N PRO A 261 10.91 18.65 1.23
CA PRO A 261 12.10 18.38 0.41
C PRO A 261 12.53 16.89 0.29
N LEU A 262 12.45 16.03 1.32
CA LEU A 262 13.00 14.68 1.14
C LEU A 262 12.10 14.03 0.12
N LEU A 263 10.96 14.70 -0.10
CA LEU A 263 9.77 14.18 -0.85
C LEU A 263 9.64 14.60 -2.29
N ARG A 264 10.16 15.79 -2.64
CA ARG A 264 10.14 16.21 -4.00
C ARG A 264 11.29 15.47 -4.64
N MET A 265 12.20 15.05 -3.77
CA MET A 265 13.39 14.25 -4.13
C MET A 265 12.98 12.90 -4.64
N ARG A 266 11.94 12.34 -4.02
CA ARG A 266 11.29 11.10 -4.40
C ARG A 266 10.69 11.36 -5.80
N LEU A 267 10.04 12.53 -6.01
CA LEU A 267 9.19 12.82 -7.25
C LEU A 267 9.96 13.38 -8.52
N ASP A 268 11.01 14.18 -8.25
CA ASP A 268 12.09 14.57 -9.24
C ASP A 268 12.99 13.42 -9.79
N ASP A 269 12.91 12.27 -9.12
CA ASP A 269 13.58 11.06 -9.59
C ASP A 269 12.75 9.67 -9.44
N PRO A 270 11.96 9.28 -10.44
CA PRO A 270 11.16 8.01 -10.33
C PRO A 270 11.87 6.61 -10.30
N SER A 271 13.11 6.54 -10.78
CA SER A 271 13.96 5.41 -10.55
C SER A 271 14.12 5.17 -9.02
N GLY A 272 13.93 6.24 -8.26
CA GLY A 272 14.07 6.35 -6.81
C GLY A 272 15.44 6.29 -6.19
N SER A 273 16.49 6.37 -7.00
CA SER A 273 17.87 6.28 -6.44
C SER A 273 18.33 7.51 -5.63
N ASN A 274 17.78 8.69 -5.92
CA ASN A 274 18.08 9.90 -5.15
C ASN A 274 17.50 9.84 -3.79
N TYR A 275 16.26 9.41 -3.75
CA TYR A 275 15.53 9.18 -2.45
C TYR A 275 16.27 8.18 -1.55
N VAL A 276 16.73 7.08 -2.06
CA VAL A 276 17.17 5.99 -1.26
C VAL A 276 18.56 6.36 -0.69
N THR A 277 19.40 7.01 -1.51
CA THR A 277 20.65 7.69 -1.00
C THR A 277 20.33 8.79 0.04
N ALA A 278 19.53 9.78 -0.33
CA ALA A 278 19.21 10.90 0.60
C ALA A 278 18.56 10.44 1.93
N MET A 279 17.54 9.55 1.86
CA MET A 279 16.87 9.04 3.07
C MET A 279 17.79 8.15 3.86
N HIS A 280 18.73 7.49 3.21
CA HIS A 280 19.65 6.69 4.01
C HIS A 280 20.71 7.59 4.69
N ARG A 281 21.18 8.61 4.02
CA ARG A 281 22.11 9.42 4.73
C ARG A 281 21.33 10.00 5.96
N GLU A 282 20.23 10.69 5.71
CA GLU A 282 19.47 11.38 6.71
C GLU A 282 19.21 10.46 7.90
N VAL A 283 18.85 9.22 7.65
CA VAL A 283 18.73 8.29 8.82
C VAL A 283 20.07 7.85 9.46
N PHE A 284 20.92 7.21 8.67
CA PHE A 284 22.08 6.53 9.17
C PHE A 284 23.28 7.45 8.89
N ALA B 1 29.97 -20.49 -10.22
CA ALA B 1 29.59 -20.89 -11.60
C ALA B 1 28.27 -20.24 -12.13
N ARG B 2 27.14 -20.91 -11.88
CA ARG B 2 25.79 -20.38 -12.18
C ARG B 2 24.99 -19.44 -11.13
N THR B 3 24.25 -18.42 -11.67
CA THR B 3 23.32 -17.56 -10.92
C THR B 3 21.96 -18.33 -10.68
N VAL B 4 21.74 -18.84 -9.46
CA VAL B 4 20.45 -19.42 -8.92
C VAL B 4 19.28 -18.34 -8.77
N VAL B 5 18.24 -18.43 -9.61
CA VAL B 5 17.07 -17.52 -9.68
C VAL B 5 15.97 -18.35 -9.02
N LEU B 6 15.06 -17.74 -8.24
CA LEU B 6 13.88 -18.45 -7.81
C LEU B 6 12.69 -17.54 -8.11
N ILE B 7 11.76 -18.02 -9.02
CA ILE B 7 10.58 -17.27 -9.52
C ILE B 7 9.28 -17.67 -9.00
N THR B 8 8.46 -16.72 -8.48
CA THR B 8 7.08 -17.04 -8.10
C THR B 8 5.99 -16.84 -9.25
N GLY B 9 5.00 -17.75 -9.33
CA GLY B 9 3.86 -17.65 -10.37
C GLY B 9 4.54 -17.82 -11.67
N CYS B 10 4.95 -19.09 -11.88
CA CYS B 10 5.59 -19.50 -13.16
C CYS B 10 4.65 -20.25 -14.16
N SER B 11 3.41 -20.45 -13.72
CA SER B 11 2.41 -21.24 -14.58
C SER B 11 2.06 -20.57 -15.84
N SER B 12 2.09 -19.20 -15.88
CA SER B 12 1.96 -18.44 -17.12
C SER B 12 2.59 -16.99 -17.19
N GLY B 13 2.38 -16.26 -18.26
CA GLY B 13 2.68 -14.81 -18.27
C GLY B 13 4.14 -14.38 -18.10
N ILE B 14 4.38 -13.33 -17.37
CA ILE B 14 5.70 -13.02 -16.93
C ILE B 14 6.56 -14.13 -16.34
N GLY B 15 6.13 -14.83 -15.31
CA GLY B 15 7.00 -15.70 -14.64
C GLY B 15 7.45 -16.75 -15.63
N LEU B 16 6.46 -17.43 -16.25
CA LEU B 16 6.66 -18.44 -17.27
C LEU B 16 7.62 -17.93 -18.23
N HIS B 17 7.31 -16.92 -19.00
CA HIS B 17 8.34 -16.44 -19.95
C HIS B 17 9.80 -16.16 -19.39
N LEU B 18 9.99 -15.44 -18.26
CA LEU B 18 11.30 -15.18 -17.61
C LEU B 18 11.99 -16.47 -17.18
N ALA B 19 11.25 -17.35 -16.50
CA ALA B 19 11.84 -18.67 -16.23
C ALA B 19 12.56 -19.32 -17.48
N VAL B 20 11.91 -19.30 -18.62
CA VAL B 20 12.48 -19.81 -19.80
C VAL B 20 13.31 -18.84 -20.63
N ARG B 21 13.27 -17.57 -20.39
CA ARG B 21 14.37 -16.72 -21.01
C ARG B 21 15.69 -17.00 -20.25
N LEU B 22 15.60 -16.99 -18.93
CA LEU B 22 16.73 -17.38 -18.11
C LEU B 22 17.28 -18.84 -18.32
N ALA B 23 16.48 -19.92 -18.14
CA ALA B 23 17.06 -21.27 -18.26
C ALA B 23 17.81 -21.59 -19.60
N SER B 24 17.67 -20.67 -20.56
CA SER B 24 17.81 -20.92 -22.00
C SER B 24 18.61 -19.72 -22.73
N ASP B 25 19.16 -18.84 -21.91
CA ASP B 25 20.06 -17.85 -22.41
C ASP B 25 21.36 -18.54 -22.89
N PRO B 26 21.95 -18.03 -24.03
CA PRO B 26 23.17 -18.54 -24.69
C PRO B 26 24.41 -18.56 -23.85
N SER B 27 24.39 -17.85 -22.71
CA SER B 27 25.39 -17.88 -21.61
C SER B 27 25.42 -19.21 -20.81
N GLN B 28 24.27 -19.66 -20.42
CA GLN B 28 24.20 -20.98 -19.90
C GLN B 28 24.51 -20.76 -18.43
N SER B 29 24.42 -19.51 -17.96
CA SER B 29 24.83 -19.25 -16.55
C SER B 29 23.75 -19.28 -15.45
N PHE B 30 22.50 -19.32 -15.92
CA PHE B 30 21.40 -19.29 -15.01
C PHE B 30 20.92 -20.66 -14.83
N LYS B 31 20.61 -20.93 -13.59
CA LYS B 31 19.99 -22.10 -13.01
C LYS B 31 18.67 -21.59 -12.33
N VAL B 32 17.49 -22.07 -12.80
CA VAL B 32 16.17 -21.50 -12.49
C VAL B 32 15.10 -22.41 -11.91
N TYR B 33 14.68 -22.08 -10.68
CA TYR B 33 13.74 -22.84 -9.92
C TYR B 33 12.49 -21.95 -10.11
N ALA B 34 11.49 -22.53 -10.78
CA ALA B 34 10.37 -21.86 -11.19
C ALA B 34 9.24 -22.53 -10.39
N THR B 35 8.59 -21.68 -9.56
CA THR B 35 7.71 -22.11 -8.58
C THR B 35 6.35 -21.65 -9.12
N LEU B 36 5.30 -22.37 -8.68
CA LEU B 36 3.91 -22.29 -9.20
C LEU B 36 3.04 -22.63 -8.05
N ARG B 37 1.89 -22.00 -7.87
CA ARG B 37 0.97 -22.42 -6.84
C ARG B 37 0.80 -23.93 -6.80
N ASP B 38 0.25 -24.47 -7.88
CA ASP B 38 0.25 -25.99 -8.21
C ASP B 38 0.85 -26.44 -9.47
N LEU B 39 1.37 -27.68 -9.41
CA LEU B 39 2.07 -28.23 -10.60
C LEU B 39 1.14 -28.72 -11.71
N LYS B 40 -0.08 -29.15 -11.36
CA LYS B 40 -1.09 -29.50 -12.34
C LYS B 40 -1.02 -28.48 -13.45
N THR B 41 -0.43 -27.31 -13.18
CA THR B 41 -0.51 -26.19 -14.18
C THR B 41 0.71 -26.04 -15.09
N GLN B 42 1.72 -26.84 -14.80
CA GLN B 42 3.05 -26.86 -15.49
C GLN B 42 3.25 -27.26 -16.95
N GLY B 43 2.54 -28.24 -17.49
CA GLY B 43 2.66 -28.47 -18.98
C GLY B 43 3.00 -27.16 -19.71
N ARG B 44 2.53 -26.06 -19.26
CA ARG B 44 3.01 -25.05 -20.24
C ARG B 44 4.39 -24.37 -20.13
N LEU B 45 4.80 -24.17 -18.91
CA LEU B 45 6.17 -24.06 -18.56
C LEU B 45 7.06 -25.00 -19.38
N TRP B 46 6.76 -26.28 -19.21
CA TRP B 46 7.58 -27.41 -19.72
C TRP B 46 7.52 -27.51 -21.19
N GLU B 47 6.36 -27.30 -21.75
CA GLU B 47 6.23 -27.21 -23.18
C GLU B 47 7.00 -26.03 -23.62
N ALA B 48 6.95 -24.92 -22.86
CA ALA B 48 7.61 -23.70 -23.33
C ALA B 48 9.11 -23.82 -23.20
N ALA B 49 9.56 -24.60 -22.22
CA ALA B 49 10.99 -24.77 -21.96
C ALA B 49 11.49 -25.78 -22.91
N ARG B 50 10.57 -26.53 -23.50
CA ARG B 50 10.90 -27.52 -24.54
C ARG B 50 10.92 -26.69 -25.85
N ALA B 51 9.99 -25.75 -26.00
CA ALA B 51 9.99 -24.96 -27.23
C ALA B 51 11.34 -24.34 -27.43
N LEU B 52 12.18 -24.48 -26.43
CA LEU B 52 13.30 -23.60 -26.27
C LEU B 52 14.63 -24.25 -25.93
N ALA B 53 14.67 -25.56 -25.85
CA ALA B 53 15.95 -26.23 -25.76
C ALA B 53 16.68 -25.69 -24.57
N CYS B 54 15.96 -25.70 -23.48
CA CYS B 54 16.47 -25.45 -22.14
C CYS B 54 17.30 -26.67 -21.75
N PRO B 55 18.61 -26.55 -21.43
CA PRO B 55 19.40 -27.79 -21.07
C PRO B 55 19.00 -28.46 -19.72
N PRO B 56 19.20 -29.76 -19.52
CA PRO B 56 18.67 -30.26 -18.22
C PRO B 56 19.37 -29.63 -16.98
N GLY B 57 18.64 -29.43 -15.86
CA GLY B 57 19.23 -28.70 -14.69
C GLY B 57 19.60 -27.19 -14.97
N SER B 58 19.05 -26.65 -16.03
CA SER B 58 18.83 -25.21 -16.08
C SER B 58 17.42 -24.84 -15.55
N LEU B 59 16.52 -25.77 -15.14
CA LEU B 59 15.14 -25.44 -14.77
C LEU B 59 14.54 -26.55 -13.91
N GLU B 60 14.44 -26.40 -12.57
CA GLU B 60 13.51 -27.24 -11.77
C GLU B 60 12.25 -26.44 -11.34
N THR B 61 11.16 -27.16 -11.13
CA THR B 61 9.98 -26.57 -10.85
C THR B 61 9.82 -26.82 -9.42
N LEU B 62 9.11 -25.89 -8.75
CA LEU B 62 8.57 -26.28 -7.40
C LEU B 62 7.20 -25.75 -7.26
N GLN B 63 6.61 -26.22 -6.20
CA GLN B 63 5.40 -25.69 -5.78
C GLN B 63 5.81 -24.60 -4.77
N LEU B 64 5.01 -23.55 -4.68
CA LEU B 64 5.13 -22.47 -3.70
C LEU B 64 3.75 -21.74 -3.70
N ASP B 65 2.95 -21.98 -2.67
CA ASP B 65 1.89 -21.11 -2.17
C ASP B 65 2.46 -19.90 -1.38
N VAL B 66 2.41 -18.69 -1.94
CA VAL B 66 2.95 -17.50 -1.27
C VAL B 66 2.11 -17.09 -0.06
N ARG B 67 0.87 -17.61 0.03
CA ARG B 67 -0.04 -17.39 1.18
C ARG B 67 0.31 -18.26 2.40
N ASP B 68 1.07 -19.29 2.12
CA ASP B 68 1.46 -20.24 3.16
C ASP B 68 3.01 -20.13 3.43
N SER B 69 3.52 -19.77 4.60
CA SER B 69 4.99 -19.63 4.82
C SER B 69 5.77 -20.91 5.03
N LYS B 70 5.06 -21.95 5.38
CA LYS B 70 5.69 -23.25 5.52
C LYS B 70 6.10 -23.78 4.17
N SER B 71 5.32 -23.41 3.14
CA SER B 71 5.56 -23.82 1.80
C SER B 71 6.70 -22.91 1.26
N VAL B 72 6.75 -21.68 1.72
CA VAL B 72 7.92 -20.78 1.46
C VAL B 72 9.14 -21.49 2.08
N ALA B 73 9.03 -21.90 3.32
CA ALA B 73 10.10 -22.70 3.88
C ALA B 73 10.38 -24.00 3.16
N ALA B 74 9.35 -24.73 2.78
CA ALA B 74 9.55 -25.89 1.90
C ALA B 74 10.32 -25.64 0.58
N ALA B 75 9.86 -24.70 -0.25
CA ALA B 75 10.62 -24.36 -1.47
C ALA B 75 12.06 -23.83 -1.18
N ARG B 76 12.28 -23.21 -0.01
CA ARG B 76 13.66 -22.76 0.31
C ARG B 76 14.67 -23.94 0.59
N GLU B 77 14.22 -24.88 1.37
CA GLU B 77 14.96 -26.12 1.64
C GLU B 77 15.51 -26.77 0.36
N ARG B 78 14.91 -26.44 -0.79
CA ARG B 78 15.07 -27.16 -2.07
C ARG B 78 16.04 -26.43 -3.01
N VAL B 79 16.57 -25.28 -2.57
CA VAL B 79 17.77 -24.76 -3.28
C VAL B 79 19.00 -25.55 -2.74
N THR B 80 19.28 -26.63 -3.48
CA THR B 80 20.53 -27.47 -3.53
C THR B 80 21.85 -26.78 -3.26
N GLU B 81 22.14 -25.73 -4.09
CA GLU B 81 23.27 -24.76 -3.96
C GLU B 81 23.45 -24.02 -2.54
N GLY B 82 22.41 -24.05 -1.67
CA GLY B 82 22.32 -23.28 -0.41
C GLY B 82 22.40 -21.76 -0.47
N ARG B 83 22.04 -21.18 -1.63
CA ARG B 83 22.08 -19.72 -1.79
C ARG B 83 21.16 -19.29 -2.94
N VAL B 84 20.34 -18.28 -2.74
CA VAL B 84 19.68 -17.76 -3.91
C VAL B 84 20.49 -16.55 -4.34
N ASP B 85 20.74 -16.37 -5.63
CA ASP B 85 21.33 -15.12 -6.09
C ASP B 85 20.36 -14.10 -6.58
N VAL B 86 19.45 -14.48 -7.44
CA VAL B 86 18.38 -13.63 -7.86
C VAL B 86 17.04 -14.12 -7.35
N LEU B 87 16.24 -13.25 -6.70
CA LEU B 87 14.79 -13.54 -6.37
C LEU B 87 13.85 -12.65 -7.04
N VAL B 88 13.00 -13.29 -7.82
CA VAL B 88 11.88 -12.64 -8.44
C VAL B 88 10.47 -12.97 -7.72
N CYS B 89 9.87 -11.93 -7.12
CA CYS B 89 8.54 -11.92 -6.64
C CYS B 89 7.62 -11.30 -7.68
N ASN B 90 6.85 -12.21 -8.24
CA ASN B 90 6.06 -12.07 -9.38
C ASN B 90 4.58 -12.53 -9.10
N ALA B 91 4.33 -13.75 -8.55
CA ALA B 91 2.91 -14.22 -8.17
C ALA B 91 2.02 -13.04 -7.76
N GLY B 92 0.90 -12.82 -8.48
CA GLY B 92 0.10 -11.61 -8.23
C GLY B 92 -1.35 -11.94 -8.48
N LEU B 93 -2.30 -11.06 -8.06
CA LEU B 93 -3.72 -11.12 -8.39
C LEU B 93 -4.33 -9.74 -8.74
N GLY B 94 -5.35 -9.77 -9.60
CA GLY B 94 -6.18 -8.65 -9.84
C GLY B 94 -7.43 -8.73 -9.00
N LEU B 95 -8.13 -7.59 -8.99
CA LEU B 95 -9.42 -7.46 -8.40
C LEU B 95 -9.91 -6.19 -8.85
N LEU B 96 -10.78 -6.22 -9.84
CA LEU B 96 -11.44 -5.18 -10.47
C LEU B 96 -12.93 -5.26 -10.17
N GLY B 97 -13.51 -4.07 -9.96
CA GLY B 97 -14.95 -3.94 -9.71
C GLY B 97 -15.21 -2.67 -8.91
N PRO B 98 -16.52 -2.36 -8.64
CA PRO B 98 -16.83 -1.24 -7.76
C PRO B 98 -16.46 -1.61 -6.36
N LEU B 99 -15.82 -0.67 -5.68
CA LEU B 99 -15.38 -0.98 -4.36
C LEU B 99 -16.48 -1.69 -3.52
N GLU B 100 -17.71 -1.22 -3.57
CA GLU B 100 -18.74 -1.87 -2.70
C GLU B 100 -19.23 -3.18 -3.19
N ALA B 101 -18.71 -3.58 -4.33
CA ALA B 101 -19.18 -4.78 -4.99
C ALA B 101 -18.33 -5.91 -4.58
N LEU B 102 -17.30 -5.60 -3.78
CA LEU B 102 -16.25 -6.54 -3.44
C LEU B 102 -16.42 -7.49 -2.25
N GLY B 103 -15.98 -8.71 -2.43
CA GLY B 103 -16.07 -9.66 -1.35
C GLY B 103 -14.98 -9.38 -0.38
N GLU B 104 -15.28 -9.52 0.92
CA GLU B 104 -14.29 -9.42 2.01
C GLU B 104 -13.10 -10.50 2.00
N ASP B 105 -13.39 -11.80 1.79
CA ASP B 105 -12.35 -12.75 1.34
C ASP B 105 -11.60 -12.44 0.02
N ALA B 106 -12.14 -11.61 -0.88
CA ALA B 106 -11.35 -11.27 -2.04
C ALA B 106 -10.38 -10.15 -1.73
N VAL B 107 -10.86 -9.01 -1.26
CA VAL B 107 -9.99 -7.97 -0.71
C VAL B 107 -8.88 -8.63 0.09
N ALA B 108 -9.21 -9.49 1.06
CA ALA B 108 -8.23 -10.00 2.07
C ALA B 108 -7.26 -10.77 1.26
N SER B 109 -7.86 -11.54 0.37
CA SER B 109 -7.10 -12.47 -0.44
C SER B 109 -6.12 -11.77 -1.44
N VAL B 110 -6.52 -10.68 -2.03
CA VAL B 110 -5.61 -9.88 -2.88
C VAL B 110 -4.51 -9.36 -1.95
N LEU B 111 -4.82 -8.84 -0.75
CA LEU B 111 -3.68 -8.30 0.06
C LEU B 111 -2.70 -9.40 0.63
N ASP B 112 -3.20 -10.62 0.81
CA ASP B 112 -2.39 -11.73 1.37
C ASP B 112 -1.49 -12.43 0.40
N VAL B 113 -2.01 -12.63 -0.81
CA VAL B 113 -1.20 -12.97 -1.99
C VAL B 113 -0.16 -11.83 -2.41
N ASN B 114 -0.60 -10.59 -2.73
CA ASN B 114 0.30 -9.46 -3.29
C ASN B 114 1.28 -8.74 -2.27
N VAL B 115 0.78 -8.45 -1.08
CA VAL B 115 1.62 -7.76 -0.13
C VAL B 115 2.16 -8.78 0.82
N VAL B 116 1.29 -9.46 1.57
CA VAL B 116 1.85 -10.45 2.54
C VAL B 116 2.71 -11.57 1.98
N GLY B 117 2.26 -12.19 0.88
CA GLY B 117 3.11 -13.11 0.15
C GLY B 117 4.48 -12.56 -0.15
N THR B 118 4.61 -11.26 -0.42
CA THR B 118 5.93 -10.77 -0.86
C THR B 118 6.81 -10.62 0.37
N VAL B 119 6.21 -10.13 1.41
CA VAL B 119 6.80 -10.13 2.76
C VAL B 119 7.37 -11.51 3.28
N ARG B 120 6.60 -12.63 3.10
CA ARG B 120 7.00 -13.98 3.49
C ARG B 120 8.20 -14.44 2.72
N MET B 121 8.51 -13.78 1.60
CA MET B 121 9.56 -14.29 0.75
C MET B 121 10.83 -13.58 1.06
N LEU B 122 10.69 -12.27 1.18
CA LEU B 122 11.73 -11.49 1.73
C LEU B 122 12.02 -12.02 3.10
N GLN B 123 11.07 -12.20 3.98
CA GLN B 123 11.48 -12.79 5.34
C GLN B 123 12.25 -14.17 5.25
N ALA B 124 11.88 -15.03 4.30
CA ALA B 124 12.62 -16.23 4.06
C ALA B 124 13.94 -16.10 3.35
N PHE B 125 14.11 -15.18 2.45
CA PHE B 125 15.37 -15.18 1.64
C PHE B 125 16.27 -14.02 1.85
N LEU B 126 15.83 -12.84 2.36
CA LEU B 126 16.84 -11.81 2.58
C LEU B 126 17.87 -12.04 3.67
N PRO B 127 17.51 -12.75 4.78
CA PRO B 127 18.55 -13.02 5.80
C PRO B 127 19.83 -13.46 5.20
N ASP B 128 19.77 -14.49 4.36
CA ASP B 128 20.92 -15.20 3.83
C ASP B 128 21.69 -14.36 2.84
N MET B 129 20.96 -13.50 2.12
CA MET B 129 21.53 -12.56 1.23
C MET B 129 22.26 -11.48 2.04
N LYS B 130 21.64 -10.91 3.08
CA LYS B 130 22.39 -9.97 3.97
C LYS B 130 23.65 -10.60 4.52
N ARG B 131 23.60 -11.88 4.92
CA ARG B 131 24.77 -12.44 5.61
C ARG B 131 25.99 -12.53 4.65
N ARG B 132 25.67 -12.84 3.38
CA ARG B 132 26.62 -12.98 2.30
C ARG B 132 27.07 -11.59 1.85
N GLY B 133 26.24 -10.56 2.14
CA GLY B 133 26.41 -9.25 1.44
C GLY B 133 26.29 -9.30 -0.08
N SER B 134 25.37 -10.13 -0.60
CA SER B 134 24.95 -10.04 -2.04
C SER B 134 23.69 -10.84 -2.38
N GLY B 135 23.15 -10.54 -3.58
CA GLY B 135 21.79 -10.79 -3.99
C GLY B 135 21.04 -9.71 -4.73
N ARG B 136 20.25 -10.10 -5.72
CA ARG B 136 19.18 -9.29 -6.32
C ARG B 136 17.78 -9.80 -6.00
N VAL B 137 16.84 -8.89 -5.78
CA VAL B 137 15.49 -9.28 -5.59
C VAL B 137 14.84 -8.42 -6.65
N LEU B 138 13.97 -8.97 -7.48
CA LEU B 138 13.28 -8.20 -8.44
C LEU B 138 11.84 -8.44 -8.19
N VAL B 139 11.08 -7.34 -8.15
CA VAL B 139 9.68 -7.44 -7.86
C VAL B 139 8.95 -6.92 -9.05
N THR B 140 8.00 -7.69 -9.50
CA THR B 140 7.17 -7.27 -10.56
C THR B 140 6.19 -6.26 -10.08
N GLY B 141 6.29 -5.07 -10.65
CA GLY B 141 5.41 -3.97 -10.27
C GLY B 141 4.37 -3.68 -11.31
N SER B 142 3.68 -2.58 -11.11
CA SER B 142 2.63 -2.11 -12.00
C SER B 142 2.68 -0.58 -12.04
N VAL B 143 2.06 0.01 -13.03
CA VAL B 143 1.73 1.50 -13.11
C VAL B 143 0.52 1.84 -12.23
N GLY B 144 -0.40 0.88 -11.97
CA GLY B 144 -1.35 0.94 -10.84
C GLY B 144 -0.80 0.95 -9.40
N GLY B 145 0.50 0.84 -9.20
CA GLY B 145 1.15 0.96 -7.91
C GLY B 145 1.85 2.30 -7.86
N LEU B 146 1.73 3.00 -8.97
CA LEU B 146 2.37 4.28 -9.19
C LEU B 146 1.34 5.37 -9.20
N MET B 147 0.16 5.01 -9.55
CA MET B 147 -0.90 6.00 -9.52
C MET B 147 -2.20 5.25 -9.41
N GLY B 148 -3.25 5.98 -9.05
CA GLY B 148 -4.53 5.39 -8.76
C GLY B 148 -5.41 5.16 -9.97
N LEU B 149 -6.22 4.12 -9.98
CA LEU B 149 -7.04 3.73 -11.13
C LEU B 149 -8.49 3.45 -10.81
N PRO B 150 -9.42 4.10 -11.49
CA PRO B 150 -10.87 3.79 -11.28
C PRO B 150 -11.10 2.27 -11.31
N PHE B 151 -11.95 1.79 -10.44
CA PHE B 151 -12.40 0.39 -10.29
C PHE B 151 -11.34 -0.67 -9.95
N ASN B 152 -10.09 -0.23 -9.87
CA ASN B 152 -9.03 -1.04 -9.23
C ASN B 152 -8.47 -0.59 -7.84
N ASP B 153 -9.37 -0.04 -7.07
CA ASP B 153 -9.13 0.70 -5.87
C ASP B 153 -8.37 -0.28 -5.00
N VAL B 154 -8.92 -1.50 -4.92
CA VAL B 154 -8.28 -2.43 -4.06
C VAL B 154 -7.00 -3.01 -4.69
N TYR B 155 -6.97 -3.18 -6.01
CA TYR B 155 -5.77 -3.73 -6.63
C TYR B 155 -4.57 -2.68 -6.52
N CYS B 156 -4.87 -1.43 -6.74
CA CYS B 156 -3.80 -0.43 -6.59
C CYS B 156 -3.32 -0.27 -5.12
N ALA B 157 -4.28 -0.38 -4.20
CA ALA B 157 -3.97 -0.54 -2.78
C ALA B 157 -2.80 -1.52 -2.56
N SER B 158 -2.72 -2.65 -3.27
CA SER B 158 -1.66 -3.65 -2.87
C SER B 158 -0.38 -3.45 -3.66
N LYS B 159 -0.47 -2.66 -4.76
CA LYS B 159 0.68 -2.43 -5.61
C LYS B 159 1.44 -1.24 -5.05
N PHE B 160 0.71 -0.14 -4.74
CA PHE B 160 1.23 1.01 -3.88
C PHE B 160 1.86 0.35 -2.65
N ALA B 161 1.20 -0.67 -2.04
CA ALA B 161 1.74 -1.39 -0.86
C ALA B 161 3.07 -2.11 -1.05
N LEU B 162 3.28 -2.72 -2.18
CA LEU B 162 4.63 -3.18 -2.43
C LEU B 162 5.69 -2.13 -2.78
N GLU B 163 5.28 -1.04 -3.46
CA GLU B 163 6.23 0.22 -3.56
C GLU B 163 6.89 0.73 -2.30
N GLY B 164 6.19 1.38 -1.44
CA GLY B 164 6.58 1.54 0.02
C GLY B 164 7.09 0.39 0.83
N LEU B 165 6.77 -0.83 0.47
CA LEU B 165 7.48 -2.00 1.21
C LEU B 165 8.86 -2.08 0.59
N CYS B 166 8.91 -2.05 -0.73
CA CYS B 166 10.24 -2.17 -1.34
C CYS B 166 11.04 -0.92 -1.19
N GLU B 167 10.49 0.27 -1.27
CA GLU B 167 11.32 1.42 -0.87
C GLU B 167 11.93 1.43 0.55
N SER B 168 11.25 0.93 1.57
CA SER B 168 11.69 0.93 2.92
C SER B 168 12.84 -0.02 3.05
N LEU B 169 12.72 -1.22 2.42
CA LEU B 169 13.77 -2.20 2.43
C LEU B 169 14.97 -1.56 1.73
N ALA B 170 14.97 -1.31 0.43
CA ALA B 170 15.95 -0.40 -0.25
C ALA B 170 16.84 0.60 0.63
N VAL B 171 16.28 1.47 1.44
CA VAL B 171 17.04 2.26 2.43
C VAL B 171 17.90 1.42 3.41
N LEU B 172 17.30 0.33 3.95
CA LEU B 172 18.13 -0.50 4.87
C LEU B 172 19.27 -1.19 4.04
N LEU B 173 18.95 -1.78 2.87
CA LEU B 173 19.93 -2.73 2.24
C LEU B 173 21.10 -2.01 1.49
N LEU B 174 20.93 -0.69 1.24
CA LEU B 174 21.86 0.08 0.46
C LEU B 174 23.27 -0.46 0.62
N PRO B 175 23.91 -0.31 1.85
CA PRO B 175 25.23 -0.86 2.24
C PRO B 175 25.32 -2.41 2.47
N PHE B 176 24.20 -3.13 2.38
CA PHE B 176 24.57 -4.61 2.37
C PHE B 176 25.11 -5.18 1.05
N GLY B 177 25.18 -4.43 -0.05
CA GLY B 177 25.40 -5.02 -1.38
C GLY B 177 24.22 -5.91 -1.83
N VAL B 178 23.00 -5.66 -1.29
CA VAL B 178 21.88 -6.53 -1.63
C VAL B 178 20.97 -5.54 -2.31
N HIS B 179 20.39 -5.92 -3.45
CA HIS B 179 19.83 -4.93 -4.45
C HIS B 179 18.48 -5.30 -4.85
N LEU B 180 17.53 -4.48 -4.46
CA LEU B 180 16.13 -4.69 -4.74
C LEU B 180 15.58 -3.73 -5.77
N SER B 181 14.78 -4.27 -6.72
CA SER B 181 14.27 -3.58 -7.90
C SER B 181 12.85 -3.93 -8.31
N LEU B 182 12.13 -2.94 -8.82
CA LEU B 182 10.77 -3.03 -9.24
C LEU B 182 10.71 -2.75 -10.73
N ILE B 183 10.20 -3.72 -11.49
CA ILE B 183 9.92 -3.59 -12.95
C ILE B 183 8.45 -3.27 -13.11
N GLU B 184 8.17 -2.00 -13.28
CA GLU B 184 6.88 -1.40 -13.45
C GLU B 184 6.36 -1.56 -14.87
N CYS B 185 5.48 -2.55 -15.05
CA CYS B 185 4.72 -2.94 -16.21
C CYS B 185 3.41 -2.10 -16.39
N GLY B 186 3.06 -1.68 -17.64
CA GLY B 186 1.74 -1.15 -18.03
C GLY B 186 1.08 -2.50 -18.38
N PRO B 187 0.06 -2.56 -19.31
CA PRO B 187 -0.62 -3.79 -19.59
C PRO B 187 0.20 -4.78 -20.33
N VAL B 188 0.03 -6.04 -19.97
CA VAL B 188 0.80 -7.14 -20.54
C VAL B 188 -0.30 -8.06 -21.06
N HIS B 189 -0.29 -8.47 -22.38
CA HIS B 189 -1.21 -9.58 -22.85
C HIS B 189 -0.67 -10.90 -22.56
N GLU B 202 -24.96 -10.89 -9.46
CA GLU B 202 -23.57 -10.48 -9.19
C GLU B 202 -23.35 -8.91 -9.19
N VAL B 203 -22.48 -8.37 -10.08
CA VAL B 203 -22.03 -6.96 -9.94
C VAL B 203 -23.18 -5.99 -9.64
N LEU B 204 -24.04 -5.62 -10.62
CA LEU B 204 -25.32 -4.91 -10.31
C LEU B 204 -25.83 -5.30 -8.91
N ASP B 205 -26.22 -6.59 -8.77
CA ASP B 205 -26.74 -7.22 -7.52
C ASP B 205 -25.95 -6.89 -6.20
N ARG B 206 -24.80 -6.22 -6.35
CA ARG B 206 -24.01 -5.66 -5.24
C ARG B 206 -24.00 -4.10 -5.25
N THR B 207 -24.26 -3.47 -6.41
CA THR B 207 -23.88 -2.04 -6.65
C THR B 207 -24.99 -1.19 -7.37
N ASP B 208 -25.14 0.11 -7.05
CA ASP B 208 -26.16 0.96 -7.78
C ASP B 208 -26.06 0.91 -9.31
N ILE B 209 -26.57 1.96 -9.97
CA ILE B 209 -26.81 1.82 -11.39
C ILE B 209 -26.19 2.88 -12.27
N HIS B 210 -25.61 3.86 -11.62
CA HIS B 210 -24.75 4.79 -12.33
C HIS B 210 -23.25 4.46 -12.01
N THR B 211 -23.04 3.56 -11.05
CA THR B 211 -21.72 3.04 -10.74
C THR B 211 -21.54 1.93 -11.76
N PHE B 212 -22.61 1.16 -11.87
CA PHE B 212 -22.66 -0.02 -12.70
C PHE B 212 -22.69 0.43 -14.12
N HIS B 213 -23.05 1.68 -14.37
CA HIS B 213 -23.08 2.22 -15.71
C HIS B 213 -21.65 2.18 -16.03
N ARG B 214 -20.90 3.12 -15.43
CA ARG B 214 -19.58 3.50 -15.81
C ARG B 214 -18.38 2.61 -15.51
N PHE B 215 -18.67 1.49 -14.87
CA PHE B 215 -17.82 0.35 -14.94
C PHE B 215 -18.13 -0.33 -16.24
N TYR B 216 -18.38 0.45 -17.30
CA TYR B 216 -18.41 -0.06 -18.67
C TYR B 216 -17.54 1.00 -19.21
N GLN B 217 -17.90 2.19 -18.82
CA GLN B 217 -17.29 3.27 -19.41
C GLN B 217 -15.79 3.04 -19.23
N TYR B 218 -15.50 2.53 -18.02
CA TYR B 218 -14.17 2.27 -17.62
C TYR B 218 -13.51 1.07 -18.40
N LEU B 219 -14.15 -0.08 -18.45
CA LEU B 219 -13.65 -1.15 -19.28
C LEU B 219 -13.49 -0.82 -20.79
N ALA B 220 -14.41 -0.05 -21.38
CA ALA B 220 -14.18 0.46 -22.72
C ALA B 220 -12.88 1.19 -22.75
N HIS B 221 -12.61 2.01 -21.73
CA HIS B 221 -11.26 2.67 -21.67
C HIS B 221 -10.06 1.67 -21.61
N SER B 222 -9.93 0.78 -20.65
CA SER B 222 -8.86 -0.18 -20.82
C SER B 222 -8.79 -0.97 -22.13
N LYS B 223 -9.87 -1.63 -22.61
CA LYS B 223 -9.83 -2.25 -23.92
C LYS B 223 -9.03 -1.38 -24.91
N GLN B 224 -9.51 -0.21 -25.34
CA GLN B 224 -8.65 0.59 -26.30
C GLN B 224 -7.23 1.02 -25.80
N VAL B 225 -6.94 0.75 -24.54
CA VAL B 225 -5.64 1.06 -23.91
C VAL B 225 -4.62 -0.07 -24.04
N PHE B 226 -5.10 -1.28 -23.81
CA PHE B 226 -4.37 -2.47 -24.05
C PHE B 226 -4.03 -2.57 -25.53
N ARG B 227 -4.91 -2.02 -26.39
CA ARG B 227 -4.78 -2.28 -27.78
C ARG B 227 -3.74 -1.33 -28.28
N GLU B 228 -3.75 -0.07 -27.91
CA GLU B 228 -2.60 0.82 -28.25
C GLU B 228 -1.26 0.58 -27.53
N ALA B 229 -1.27 -0.21 -26.48
CA ALA B 229 -0.16 -0.09 -25.54
C ALA B 229 0.27 -1.37 -24.91
N ALA B 230 -0.49 -2.44 -25.01
CA ALA B 230 -0.10 -3.68 -24.44
C ALA B 230 1.35 -4.12 -24.98
N GLN B 231 2.05 -4.93 -24.16
CA GLN B 231 3.42 -5.40 -24.30
C GLN B 231 3.34 -6.87 -24.05
N ASN B 232 4.13 -7.69 -24.74
CA ASN B 232 4.14 -9.08 -24.43
C ASN B 232 5.13 -9.25 -23.28
N PRO B 233 5.02 -10.40 -22.57
CA PRO B 233 5.89 -10.96 -21.55
C PRO B 233 7.34 -11.14 -22.00
N GLU B 234 7.56 -11.36 -23.30
CA GLU B 234 8.98 -11.42 -23.84
C GLU B 234 9.54 -10.02 -23.84
N GLU B 235 8.70 -9.00 -23.99
CA GLU B 235 9.34 -7.64 -23.95
C GLU B 235 9.68 -7.20 -22.48
N VAL B 236 8.78 -7.58 -21.56
CA VAL B 236 8.87 -7.43 -20.15
C VAL B 236 10.12 -8.13 -19.60
N ALA B 237 10.25 -9.44 -19.83
CA ALA B 237 11.46 -10.22 -19.50
C ALA B 237 12.82 -9.58 -19.73
N GLU B 238 12.95 -8.91 -20.84
CA GLU B 238 14.13 -8.07 -21.19
C GLU B 238 14.42 -6.88 -20.20
N VAL B 239 13.39 -6.21 -19.64
CA VAL B 239 13.62 -5.37 -18.47
C VAL B 239 14.10 -6.15 -17.30
N PHE B 240 13.55 -7.34 -17.07
CA PHE B 240 14.02 -8.18 -15.95
C PHE B 240 15.51 -8.49 -16.11
N LEU B 241 15.94 -8.94 -17.28
CA LEU B 241 17.35 -9.14 -17.59
C LEU B 241 18.16 -7.87 -17.64
N THR B 242 17.60 -6.83 -18.18
CA THR B 242 18.33 -5.52 -18.09
C THR B 242 18.63 -5.16 -16.61
N ALA B 243 17.64 -5.38 -15.73
CA ALA B 243 17.81 -4.89 -14.34
C ALA B 243 18.82 -5.74 -13.56
N LEU B 244 18.79 -7.05 -13.78
CA LEU B 244 19.68 -8.03 -13.12
C LEU B 244 21.19 -8.15 -13.68
N ARG B 245 21.44 -7.56 -14.85
CA ARG B 245 22.81 -7.39 -15.31
C ARG B 245 23.33 -5.98 -14.99
N ALA B 246 22.53 -5.11 -14.39
CA ALA B 246 23.02 -3.79 -14.06
C ALA B 246 24.08 -3.94 -12.95
N PRO B 247 25.26 -3.33 -13.16
CA PRO B 247 26.27 -3.13 -12.10
C PRO B 247 25.65 -2.47 -10.87
N LYS B 248 25.14 -1.25 -11.03
CA LYS B 248 24.69 -0.45 -9.89
C LYS B 248 23.17 -0.13 -10.07
N PRO B 249 22.25 -1.12 -9.79
CA PRO B 249 20.82 -1.11 -10.05
C PRO B 249 19.98 -0.05 -9.38
N THR B 250 19.01 0.60 -10.06
CA THR B 250 18.01 1.39 -9.39
C THR B 250 16.79 0.57 -8.85
N LEU B 251 16.19 1.10 -7.79
CA LEU B 251 14.99 0.71 -7.24
C LEU B 251 13.86 0.52 -8.27
N ARG B 252 13.68 1.39 -9.26
CA ARG B 252 12.67 1.14 -10.34
C ARG B 252 13.20 1.13 -11.77
N TYR B 253 12.69 0.11 -12.53
CA TYR B 253 12.67 -0.04 -14.02
C TYR B 253 11.25 0.12 -14.62
N PHE B 254 11.09 0.76 -15.75
CA PHE B 254 9.83 1.08 -16.34
C PHE B 254 9.78 0.27 -17.59
N THR B 255 8.88 -0.73 -17.65
CA THR B 255 8.93 -1.47 -18.87
C THR B 255 8.65 -0.68 -20.17
N THR B 256 8.12 0.53 -19.99
CA THR B 256 7.63 1.43 -21.04
C THR B 256 7.69 2.83 -20.63
N GLU B 257 7.64 3.69 -21.65
CA GLU B 257 7.51 5.15 -21.52
C GLU B 257 6.04 5.73 -21.65
N ARG B 258 5.01 4.93 -22.04
CA ARG B 258 3.70 5.53 -22.24
C ARG B 258 3.13 6.35 -21.07
N PHE B 259 3.42 5.95 -19.84
CA PHE B 259 2.68 6.51 -18.71
C PHE B 259 3.35 7.55 -17.92
N LEU B 260 4.57 7.90 -18.28
CA LEU B 260 5.32 8.84 -17.47
C LEU B 260 4.94 10.32 -17.60
N PRO B 261 4.15 10.70 -18.65
CA PRO B 261 3.44 12.04 -18.61
C PRO B 261 2.31 12.26 -17.53
N LEU B 262 1.33 11.34 -17.50
CA LEU B 262 0.37 11.14 -16.37
C LEU B 262 1.07 11.11 -14.95
N LEU B 263 2.19 10.41 -14.91
CA LEU B 263 3.01 10.22 -13.73
C LEU B 263 3.80 11.49 -13.42
N ARG B 264 4.57 12.07 -14.35
CA ARG B 264 5.08 13.44 -14.03
C ARG B 264 3.97 14.37 -13.62
N MET B 265 2.79 14.25 -14.21
CA MET B 265 1.71 15.10 -13.70
C MET B 265 1.28 14.82 -12.20
N ARG B 266 1.19 13.53 -11.82
CA ARG B 266 0.90 13.05 -10.49
C ARG B 266 1.91 13.51 -9.50
N LEU B 267 3.17 13.30 -9.84
CA LEU B 267 4.29 13.97 -9.23
C LEU B 267 4.24 15.49 -9.14
N ASP B 268 4.21 16.22 -10.24
CA ASP B 268 4.03 17.71 -10.25
C ASP B 268 2.89 18.29 -9.46
N ASP B 269 1.99 17.47 -8.92
CA ASP B 269 0.95 17.96 -7.98
C ASP B 269 0.77 17.10 -6.71
N PRO B 270 1.56 17.38 -5.64
CA PRO B 270 1.52 16.60 -4.39
C PRO B 270 0.10 16.63 -3.81
N SER B 271 -0.38 17.81 -3.47
CA SER B 271 -1.79 18.14 -3.52
C SER B 271 -2.81 17.21 -4.13
N GLY B 272 -2.43 16.51 -5.19
CA GLY B 272 -3.28 15.51 -5.77
C GLY B 272 -4.29 15.89 -6.81
N SER B 273 -4.78 17.09 -6.86
CA SER B 273 -6.02 17.22 -7.66
C SER B 273 -5.91 17.38 -9.21
N ASN B 274 -4.85 17.98 -9.74
CA ASN B 274 -4.53 17.82 -11.18
C ASN B 274 -4.65 16.29 -11.39
N TYR B 275 -3.65 15.50 -11.02
CA TYR B 275 -3.68 14.08 -11.42
C TYR B 275 -5.12 13.49 -11.53
N VAL B 276 -5.94 13.64 -10.46
CA VAL B 276 -7.36 13.26 -10.38
C VAL B 276 -8.25 13.88 -11.55
N THR B 277 -7.90 15.10 -11.94
CA THR B 277 -8.65 15.76 -12.95
C THR B 277 -8.17 15.33 -14.35
N ALA B 278 -6.86 15.37 -14.65
CA ALA B 278 -6.33 14.50 -15.75
C ALA B 278 -6.98 13.09 -15.83
N MET B 279 -6.83 12.30 -14.79
CA MET B 279 -7.24 10.93 -14.90
C MET B 279 -8.72 10.81 -15.01
N HIS B 280 -9.48 11.71 -14.41
CA HIS B 280 -10.86 11.48 -14.62
C HIS B 280 -11.15 11.63 -16.10
N ARG B 281 -10.75 12.73 -16.76
CA ARG B 281 -11.23 12.97 -18.18
C ARG B 281 -10.78 11.86 -19.18
N GLU B 282 -9.46 11.66 -19.35
CA GLU B 282 -8.80 10.40 -19.74
C GLU B 282 -9.64 9.12 -19.79
N VAL B 283 -10.44 8.90 -18.76
CA VAL B 283 -11.23 7.68 -18.63
C VAL B 283 -12.69 8.06 -18.70
N PHE B 284 -13.09 9.31 -18.54
CA PHE B 284 -14.52 9.54 -18.62
C PHE B 284 -14.82 10.83 -19.41
#